data_4NBY
#
_entry.id   4NBY
#
_cell.length_a   80.390
_cell.length_b   80.390
_cell.length_c   410.720
_cell.angle_alpha   90.00
_cell.angle_beta   90.00
_cell.angle_gamma   120.00
#
_symmetry.space_group_name_H-M   'P 65 2 2'
#
loop_
_entity.id
_entity.type
_entity.pdbx_description
1 polymer 'Cell wall-binding repeat protein'
2 polymer 'A20.1 VHH'
3 water water
#
loop_
_entity_poly.entity_id
_entity_poly.type
_entity_poly.pdbx_seq_one_letter_code
_entity_poly.pdbx_strand_id
1 'polypeptide(L)'
;MHHHHHHSKAVTGMRTIDGKKYYFNTNTAEAATGWQTIDGKKYYFNTNTSIASTGYTIINDKHFYFNTDGIMQIGVFKGP
DGFEYFAPANTDANNIEGQAIRYQNRFLYLHDNIYYFGNNSKAATGWVTIDGRRYYFEPNTAIGANGYKIIDNKNFYFRN
GLPQIGVFKGPNGFEYFAPANTDANNIDGQAIRYQNRFLHLLGNIYYFGNNSKAVTGWQTINGNMYYFMPDTAMAAAGGL
FEIDGVIYFFGVDGVKAPGIY
;
A
2 'polypeptide(L)'
;QPAMAQAQVQLVESGGGLAQAGGSLRLSCAASGRTFSMDPMAWFRQPPGKEREFVAAGSSTGRTTYYADSVKGRFTISRD
NAKNTVYLQMNSLKPEDTAVYYCAAAPYGANWYRDEYAYWGQGTQVTVSSGQAGQGSEQKLISEEDLNHHHHHH
;
B,C
#
# COMPACT_ATOMS: atom_id res chain seq x y z
N GLY A 13 -43.60 -2.90 22.87
CA GLY A 13 -44.76 -2.40 22.07
C GLY A 13 -44.33 -1.80 20.75
N MET A 14 -43.28 -2.36 20.16
CA MET A 14 -42.78 -1.90 18.85
C MET A 14 -43.65 -2.43 17.72
N ARG A 15 -44.40 -1.55 17.07
CA ARG A 15 -45.23 -1.95 15.93
C ARG A 15 -45.07 -1.04 14.71
N THR A 16 -44.97 -1.65 13.53
CA THR A 16 -44.83 -0.93 12.27
C THR A 16 -46.20 -0.65 11.66
N ILE A 17 -46.75 0.51 12.03
CA ILE A 17 -48.07 0.95 11.59
C ILE A 17 -47.94 1.86 10.38
N ASP A 18 -48.41 1.38 9.23
CA ASP A 18 -48.38 2.13 7.96
C ASP A 18 -46.94 2.44 7.50
N GLY A 19 -46.02 1.52 7.81
CA GLY A 19 -44.60 1.67 7.47
C GLY A 19 -43.83 2.56 8.42
N LYS A 20 -44.41 2.87 9.57
CA LYS A 20 -43.83 3.79 10.55
C LYS A 20 -43.76 3.14 11.93
N LYS A 21 -42.63 3.31 12.61
CA LYS A 21 -42.41 2.63 13.88
C LYS A 21 -42.81 3.46 15.09
N TYR A 22 -43.64 2.86 15.94
CA TYR A 22 -44.05 3.48 17.19
C TYR A 22 -43.73 2.50 18.31
N TYR A 23 -43.63 3.01 19.53
CA TYR A 23 -43.42 2.17 20.70
C TYR A 23 -44.41 2.53 21.81
N PHE A 24 -45.29 1.58 22.13
CA PHE A 24 -46.31 1.76 23.17
C PHE A 24 -45.86 1.07 24.46
N ASN A 25 -45.85 1.84 25.55
CA ASN A 25 -45.25 1.40 26.81
C ASN A 25 -46.15 0.54 27.71
N THR A 26 -47.42 0.39 27.32
CA THR A 26 -48.44 -0.40 28.05
C THR A 26 -48.81 0.11 29.45
N THR A 28 -50.59 2.43 27.89
CA THR A 28 -50.66 3.86 27.58
C THR A 28 -51.29 4.09 26.21
N ALA A 29 -52.23 5.04 26.16
CA ALA A 29 -52.83 5.49 24.89
C ALA A 29 -51.81 6.30 24.08
N GLU A 30 -50.74 6.70 24.77
CA GLU A 30 -49.67 7.50 24.19
C GLU A 30 -48.51 6.63 23.71
N ALA A 31 -48.25 6.68 22.40
CA ALA A 31 -47.00 6.17 21.84
C ALA A 31 -45.86 7.03 22.37
N ALA A 32 -44.72 6.41 22.65
CA ALA A 32 -43.58 7.13 23.20
C ALA A 32 -43.06 8.21 22.25
N THR A 33 -42.49 9.26 22.84
CA THR A 33 -41.81 10.30 22.07
C THR A 33 -40.38 10.43 22.59
N GLY A 34 -39.53 11.10 21.82
CA GLY A 34 -38.17 11.40 22.28
C GLY A 34 -37.20 10.23 22.23
N TRP A 35 -36.10 10.36 22.98
CA TRP A 35 -35.05 9.35 23.01
C TRP A 35 -35.52 8.11 23.76
N GLN A 36 -35.49 6.97 23.07
CA GLN A 36 -35.81 5.68 23.70
C GLN A 36 -34.74 4.62 23.42
N THR A 37 -34.23 3.99 24.48
CA THR A 37 -33.36 2.81 24.30
C THR A 37 -34.16 1.52 24.46
N ILE A 38 -34.29 0.77 23.37
CA ILE A 38 -35.10 -0.43 23.34
C ILE A 38 -34.25 -1.62 22.90
N ASP A 39 -33.98 -2.52 23.86
CA ASP A 39 -33.13 -3.70 23.67
C ASP A 39 -31.72 -3.34 23.22
N GLY A 40 -31.12 -2.40 23.92
CA GLY A 40 -29.74 -1.95 23.64
C GLY A 40 -29.55 -1.10 22.39
N LYS A 41 -30.66 -0.76 21.71
CA LYS A 41 -30.59 0.11 20.55
C LYS A 41 -31.35 1.41 20.77
N LYS A 42 -30.75 2.53 20.32
CA LYS A 42 -31.31 3.87 20.50
C LYS A 42 -32.21 4.30 19.33
N TYR A 43 -33.39 4.80 19.68
CA TYR A 43 -34.36 5.31 18.70
C TYR A 43 -34.70 6.74 19.08
N TYR A 44 -35.10 7.55 18.11
CA TYR A 44 -35.72 8.84 18.43
C TYR A 44 -37.08 8.96 17.76
N PHE A 45 -38.10 9.08 18.60
CA PHE A 45 -39.48 9.17 18.17
C PHE A 45 -39.88 10.64 18.13
N ASN A 46 -40.18 11.12 16.92
CA ASN A 46 -40.55 12.52 16.69
C ASN A 46 -41.59 12.99 17.72
N THR A 47 -41.35 14.15 18.36
CA THR A 47 -42.21 14.59 19.46
C THR A 47 -43.60 15.04 19.00
N ASN A 48 -43.76 15.31 17.70
CA ASN A 48 -45.08 15.67 17.16
C ASN A 48 -45.86 14.44 16.74
N THR A 49 -45.22 13.56 15.99
CA THR A 49 -45.88 12.44 15.34
C THR A 49 -45.66 11.11 16.06
N SER A 50 -44.69 11.09 16.98
CA SER A 50 -44.22 9.88 17.67
C SER A 50 -43.61 8.81 16.75
N ILE A 51 -43.35 9.17 15.50
CA ILE A 51 -42.69 8.26 14.56
C ILE A 51 -41.18 8.14 14.84
N ALA A 52 -40.65 6.92 14.72
CA ALA A 52 -39.20 6.67 14.84
C ALA A 52 -38.46 7.35 13.69
N SER A 53 -37.57 8.28 14.03
CA SER A 53 -36.74 8.96 13.02
C SER A 53 -35.98 7.95 12.17
N THR A 54 -35.84 8.24 10.88
CA THR A 54 -35.06 7.42 9.97
C THR A 54 -34.25 8.37 9.10
N GLY A 55 -33.04 7.93 8.71
CA GLY A 55 -32.14 8.74 7.89
C GLY A 55 -31.54 9.89 8.68
N TYR A 56 -30.99 10.88 7.97
CA TYR A 56 -30.43 12.08 8.59
C TYR A 56 -31.52 12.85 9.35
N THR A 57 -31.28 13.14 10.62
CA THR A 57 -32.31 13.67 11.50
C THR A 57 -31.74 14.79 12.36
N ILE A 58 -32.46 15.92 12.41
CA ILE A 58 -32.09 17.04 13.28
C ILE A 58 -32.85 16.94 14.60
N ILE A 59 -32.11 16.94 15.70
CA ILE A 59 -32.69 16.85 17.04
C ILE A 59 -32.04 17.92 17.89
N ASN A 60 -32.86 18.86 18.38
CA ASN A 60 -32.39 20.00 19.17
C ASN A 60 -31.17 20.68 18.55
N ASP A 61 -31.25 20.94 17.25
CA ASP A 61 -30.20 21.63 16.50
C ASP A 61 -28.88 20.86 16.44
N LYS A 62 -28.95 19.55 16.67
CA LYS A 62 -27.79 18.67 16.50
C LYS A 62 -28.13 17.55 15.53
N HIS A 63 -27.12 17.02 14.85
CA HIS A 63 -27.35 16.15 13.70
C HIS A 63 -27.06 14.68 14.00
N PHE A 64 -28.01 13.83 13.65
CA PHE A 64 -27.93 12.37 13.91
C PHE A 64 -28.28 11.57 12.68
N TYR A 65 -27.97 10.27 12.70
CA TYR A 65 -28.32 9.39 11.60
C TYR A 65 -28.91 8.07 12.09
N PHE A 66 -30.07 7.71 11.54
CA PHE A 66 -30.77 6.48 11.91
C PHE A 66 -30.93 5.63 10.67
N ASN A 67 -30.84 4.30 10.82
CA ASN A 67 -31.07 3.40 9.68
C ASN A 67 -32.57 3.29 9.40
N THR A 68 -32.96 2.53 8.38
CA THR A 68 -34.37 2.45 7.99
C THR A 68 -35.26 1.83 9.07
N ASP A 69 -34.65 1.12 10.02
CA ASP A 69 -35.37 0.54 11.15
C ASP A 69 -35.45 1.49 12.36
N GLY A 70 -34.94 2.71 12.23
CA GLY A 70 -34.95 3.66 13.34
C GLY A 70 -33.81 3.53 14.34
N ILE A 71 -32.85 2.64 14.06
CA ILE A 71 -31.72 2.43 14.96
C ILE A 71 -30.64 3.51 14.72
N MET A 72 -30.29 4.23 15.77
CA MET A 72 -29.25 5.27 15.63
C MET A 72 -27.90 4.63 15.28
N GLN A 73 -27.26 5.18 14.25
CA GLN A 73 -25.98 4.67 13.74
C GLN A 73 -24.80 5.50 14.23
N ILE A 74 -23.65 4.84 14.34
CA ILE A 74 -22.40 5.50 14.69
C ILE A 74 -21.42 5.21 13.57
N GLY A 75 -20.89 6.25 12.96
CA GLY A 75 -20.01 6.05 11.82
C GLY A 75 -20.14 7.19 10.85
N VAL A 76 -19.86 6.90 9.59
CA VAL A 76 -19.80 7.91 8.55
C VAL A 76 -20.97 7.69 7.59
N PHE A 77 -21.88 8.65 7.55
CA PHE A 77 -23.12 8.52 6.79
C PHE A 77 -23.43 9.81 6.05
N LYS A 78 -24.14 9.71 4.93
CA LYS A 78 -24.42 10.88 4.11
C LYS A 78 -25.65 11.64 4.61
N GLY A 79 -25.48 12.95 4.81
CA GLY A 79 -26.59 13.88 5.02
C GLY A 79 -26.67 14.84 3.84
N PRO A 80 -27.46 15.93 3.95
CA PRO A 80 -27.62 16.80 2.77
C PRO A 80 -26.36 17.62 2.46
N ASP A 81 -25.41 17.67 3.38
CA ASP A 81 -24.15 18.40 3.14
C ASP A 81 -22.95 17.46 2.87
N GLY A 82 -23.24 16.19 2.62
CA GLY A 82 -22.19 15.20 2.41
C GLY A 82 -22.03 14.27 3.61
N PHE A 83 -20.95 13.49 3.61
CA PHE A 83 -20.71 12.48 4.63
C PHE A 83 -20.20 13.10 5.93
N GLU A 84 -20.86 12.80 7.03
CA GLU A 84 -20.43 13.34 8.32
C GLU A 84 -20.03 12.20 9.24
N TYR A 85 -19.19 12.50 10.22
CA TYR A 85 -18.82 11.54 11.26
C TYR A 85 -19.80 11.64 12.43
N PHE A 86 -20.72 10.68 12.53
CA PHE A 86 -21.64 10.56 13.68
C PHE A 86 -20.94 9.75 14.75
N ALA A 87 -20.43 10.45 15.75
CA ALA A 87 -19.37 9.95 16.60
C ALA A 87 -19.86 9.36 17.91
N PRO A 88 -19.07 8.43 18.49
CA PRO A 88 -19.33 8.01 19.87
C PRO A 88 -19.33 9.24 20.77
N ALA A 89 -20.09 9.16 21.85
CA ALA A 89 -20.15 10.22 22.86
C ALA A 89 -18.75 10.68 23.23
N ASN A 90 -18.59 11.99 23.42
CA ASN A 90 -17.38 12.54 23.99
C ASN A 90 -16.16 12.34 23.09
N THR A 91 -16.34 12.49 21.78
CA THR A 91 -15.21 12.47 20.85
C THR A 91 -14.74 13.90 20.56
N ASP A 92 -15.69 14.83 20.51
CA ASP A 92 -15.37 16.23 20.30
C ASP A 92 -16.44 17.16 20.89
N ALA A 93 -16.00 18.14 21.66
CA ALA A 93 -16.87 19.15 22.28
C ALA A 93 -18.01 18.51 23.07
N ASN A 94 -17.69 17.44 23.79
CA ASN A 94 -18.63 16.70 24.64
C ASN A 94 -19.88 16.25 23.92
N ASN A 95 -19.73 15.86 22.65
CA ASN A 95 -20.86 15.45 21.84
C ASN A 95 -21.61 14.29 22.47
N ILE A 96 -22.92 14.25 22.28
CA ILE A 96 -23.69 13.11 22.75
C ILE A 96 -23.56 12.00 21.71
N GLU A 97 -23.84 10.76 22.11
CA GLU A 97 -23.67 9.60 21.25
C GLU A 97 -24.40 9.76 19.93
N GLY A 98 -23.70 9.52 18.83
CA GLY A 98 -24.32 9.55 17.51
C GLY A 98 -24.36 10.92 16.82
N GLN A 99 -24.02 11.96 17.55
CA GLN A 99 -24.04 13.32 17.03
C GLN A 99 -22.88 13.56 16.07
N ALA A 100 -23.17 14.21 14.95
CA ALA A 100 -22.16 14.63 13.99
C ALA A 100 -21.20 15.64 14.63
N ILE A 101 -19.91 15.46 14.38
CA ILE A 101 -18.91 16.32 15.01
C ILE A 101 -18.01 17.01 14.00
N ARG A 102 -17.43 18.13 14.45
CA ARG A 102 -16.29 18.74 13.79
C ARG A 102 -15.14 17.73 13.75
N TYR A 103 -14.56 17.54 12.58
CA TYR A 103 -13.44 16.61 12.38
C TYR A 103 -12.77 17.05 11.08
N GLN A 104 -11.68 17.81 11.18
CA GLN A 104 -11.16 18.59 10.04
C GLN A 104 -9.80 18.17 9.51
N ASN A 105 -9.68 18.13 8.18
CA ASN A 105 -8.39 18.00 7.54
C ASN A 105 -7.56 16.86 8.12
N ARG A 106 -8.13 15.65 8.16
CA ARG A 106 -7.40 14.52 8.72
C ARG A 106 -8.06 13.21 8.34
N PHE A 107 -7.32 12.12 8.51
CA PHE A 107 -7.85 10.79 8.26
C PHE A 107 -8.70 10.32 9.43
N LEU A 108 -9.71 9.52 9.13
CA LEU A 108 -10.48 8.86 10.16
C LEU A 108 -10.39 7.38 9.87
N TYR A 109 -10.08 6.61 10.90
CA TYR A 109 -10.06 5.15 10.78
C TYR A 109 -11.10 4.49 11.67
N LEU A 110 -12.02 3.75 11.07
CA LEU A 110 -13.05 3.03 11.81
C LEU A 110 -13.03 1.58 11.35
N HIS A 111 -12.93 0.66 12.32
CA HIS A 111 -12.71 -0.75 11.99
C HIS A 111 -11.57 -0.82 10.97
N ASP A 112 -11.78 -1.49 9.85
CA ASP A 112 -10.75 -1.57 8.82
C ASP A 112 -10.94 -0.59 7.66
N ASN A 113 -11.81 0.41 7.88
CA ASN A 113 -12.07 1.43 6.87
C ASN A 113 -11.28 2.72 7.09
N ILE A 114 -10.98 3.39 5.99
CA ILE A 114 -10.25 4.65 6.04
C ILE A 114 -11.08 5.73 5.36
N TYR A 115 -11.16 6.89 6.00
CA TYR A 115 -11.83 8.06 5.44
C TYR A 115 -10.87 9.22 5.49
N TYR A 116 -11.07 10.21 4.62
CA TYR A 116 -10.38 11.49 4.79
C TYR A 116 -11.39 12.62 4.91
N PHE A 117 -11.24 13.43 5.95
CA PHE A 117 -12.16 14.53 6.23
C PHE A 117 -11.55 15.88 5.87
N GLY A 118 -12.29 16.70 5.13
CA GLY A 118 -11.78 17.99 4.65
C GLY A 118 -11.97 19.11 5.66
N ASN A 119 -11.77 20.35 5.20
CA ASN A 119 -11.89 21.52 6.08
C ASN A 119 -13.30 21.73 6.63
N ASN A 120 -14.28 21.20 5.91
CA ASN A 120 -15.70 21.28 6.27
C ASN A 120 -16.22 20.16 7.18
N SER A 121 -15.30 19.32 7.68
CA SER A 121 -15.65 18.14 8.46
C SER A 121 -16.57 17.17 7.70
N LYS A 122 -16.40 17.13 6.39
CA LYS A 122 -17.09 16.16 5.54
C LYS A 122 -16.07 15.22 4.93
N ALA A 123 -16.45 13.96 4.77
CA ALA A 123 -15.53 12.96 4.22
C ALA A 123 -15.45 13.09 2.71
N ALA A 124 -14.23 13.00 2.19
CA ALA A 124 -13.97 13.09 0.76
C ALA A 124 -14.56 11.87 0.04
N THR A 125 -15.01 12.09 -1.20
CA THR A 125 -15.50 11.02 -2.05
C THR A 125 -14.88 11.26 -3.42
N GLY A 126 -14.70 10.19 -4.20
CA GLY A 126 -14.03 10.32 -5.49
C GLY A 126 -12.53 10.46 -5.29
N TRP A 127 -11.87 11.04 -6.30
CA TRP A 127 -10.43 11.22 -6.30
C TRP A 127 -10.04 12.42 -5.44
N VAL A 128 -9.03 12.25 -4.59
CA VAL A 128 -8.46 13.37 -3.83
C VAL A 128 -6.96 13.20 -3.64
N THR A 129 -6.26 14.32 -3.56
CA THR A 129 -4.84 14.30 -3.30
C THR A 129 -4.59 14.77 -1.88
N ILE A 130 -3.85 13.97 -1.12
CA ILE A 130 -3.52 14.30 0.25
C ILE A 130 -2.03 14.03 0.39
N ASP A 131 -1.30 15.06 0.84
CA ASP A 131 0.17 15.00 0.98
C ASP A 131 0.83 14.39 -0.27
N GLY A 132 0.41 14.86 -1.45
CA GLY A 132 0.95 14.38 -2.73
C GLY A 132 0.67 12.94 -3.11
N ARG A 133 -0.26 12.27 -2.44
CA ARG A 133 -0.73 10.96 -2.88
C ARG A 133 -2.17 11.08 -3.33
N ARG A 134 -2.48 10.47 -4.47
CA ARG A 134 -3.84 10.41 -4.98
C ARG A 134 -4.57 9.21 -4.36
N TYR A 135 -5.71 9.49 -3.73
CA TYR A 135 -6.60 8.46 -3.19
C TYR A 135 -7.92 8.46 -3.93
N TYR A 136 -8.64 7.34 -3.84
CA TYR A 136 -10.04 7.27 -4.25
C TYR A 136 -10.89 6.72 -3.11
N PHE A 137 -11.91 7.49 -2.72
CA PHE A 137 -12.90 7.05 -1.72
C PHE A 137 -14.25 6.83 -2.43
N GLU A 138 -14.86 5.67 -2.19
CA GLU A 138 -16.12 5.26 -2.84
C GLU A 138 -17.22 6.32 -2.67
N PRO A 139 -17.75 6.82 -3.80
CA PRO A 139 -18.83 7.82 -3.70
C PRO A 139 -20.03 7.37 -2.84
N ASN A 140 -20.34 6.08 -2.82
CA ASN A 140 -21.50 5.59 -2.07
C ASN A 140 -21.29 5.48 -0.56
N THR A 141 -20.04 5.39 -0.10
CA THR A 141 -19.78 5.14 1.35
C THR A 141 -18.75 6.06 1.99
N ALA A 142 -17.98 6.74 1.14
CA ALA A 142 -16.78 7.50 1.54
C ALA A 142 -15.60 6.60 2.01
N ILE A 143 -15.77 5.28 1.91
CA ILE A 143 -14.72 4.32 2.31
C ILE A 143 -13.62 4.18 1.25
N GLY A 144 -12.36 4.14 1.70
CA GLY A 144 -11.21 3.95 0.82
C GLY A 144 -11.44 2.78 -0.13
N ALA A 145 -11.25 3.01 -1.43
CA ALA A 145 -11.42 1.95 -2.44
C ALA A 145 -10.45 0.79 -2.21
N ASN A 146 -10.92 -0.43 -2.50
CA ASN A 146 -10.11 -1.65 -2.44
C ASN A 146 -10.48 -2.59 -3.57
N GLY A 147 -9.48 -3.15 -4.22
CA GLY A 147 -9.72 -4.12 -5.29
C GLY A 147 -9.91 -3.42 -6.61
N TYR A 148 -10.41 -4.17 -7.59
CA TYR A 148 -10.55 -3.69 -8.96
C TYR A 148 -11.67 -2.66 -9.05
N LYS A 149 -11.48 -1.65 -9.89
CA LYS A 149 -12.41 -0.57 -10.02
C LYS A 149 -12.32 -0.01 -11.43
N ILE A 150 -13.47 0.28 -12.03
CA ILE A 150 -13.52 1.01 -13.29
C ILE A 150 -14.04 2.40 -12.94
N ILE A 151 -13.25 3.43 -13.22
CA ILE A 151 -13.63 4.80 -12.96
C ILE A 151 -13.46 5.63 -14.23
N ASP A 152 -14.55 6.25 -14.67
CA ASP A 152 -14.56 7.04 -15.90
C ASP A 152 -13.87 6.27 -17.06
N ASN A 153 -14.26 5.00 -17.21
CA ASN A 153 -13.72 4.10 -18.24
C ASN A 153 -12.24 3.72 -18.13
N LYS A 154 -11.66 3.91 -16.95
CA LYS A 154 -10.26 3.55 -16.72
C LYS A 154 -10.22 2.51 -15.62
N ASN A 155 -9.32 1.54 -15.75
CA ASN A 155 -9.27 0.44 -14.79
C ASN A 155 -8.15 0.60 -13.76
N PHE A 156 -8.48 0.35 -12.51
CA PHE A 156 -7.55 0.54 -11.41
C PHE A 156 -7.62 -0.63 -10.46
N TYR A 157 -6.57 -0.80 -9.67
CA TYR A 157 -6.60 -1.83 -8.65
C TYR A 157 -6.15 -1.21 -7.35
N PHE A 158 -7.08 -1.06 -6.41
CA PHE A 158 -6.83 -0.30 -5.21
C PHE A 158 -6.43 -1.12 -3.98
N ARG A 159 -5.66 -0.50 -3.11
CA ARG A 159 -5.43 -0.99 -1.77
C ARG A 159 -5.42 0.20 -0.81
N ASN A 160 -6.32 0.19 0.18
CA ASN A 160 -6.42 1.24 1.19
C ASN A 160 -6.61 2.63 0.56
N GLY A 161 -7.34 2.69 -0.55
CA GLY A 161 -7.60 3.93 -1.26
C GLY A 161 -6.53 4.35 -2.26
N LEU A 162 -5.47 3.55 -2.37
CA LEU A 162 -4.32 3.91 -3.19
C LEU A 162 -4.22 3.00 -4.42
N PRO A 163 -4.13 3.59 -5.63
CA PRO A 163 -4.03 2.79 -6.84
C PRO A 163 -2.70 2.05 -6.82
N GLN A 164 -2.74 0.74 -7.05
CA GLN A 164 -1.55 -0.10 -6.99
C GLN A 164 -0.98 -0.23 -8.39
N ILE A 165 0.34 -0.40 -8.45
CA ILE A 165 1.02 -0.52 -9.72
C ILE A 165 1.55 -1.94 -9.82
N GLY A 166 1.26 -2.61 -10.93
CA GLY A 166 1.63 -4.00 -11.11
C GLY A 166 0.66 -4.80 -11.96
N VAL A 167 0.66 -6.11 -11.78
CA VAL A 167 -0.19 -6.98 -12.56
C VAL A 167 -1.13 -7.65 -11.59
N PHE A 168 -2.42 -7.34 -11.72
CA PHE A 168 -3.44 -7.81 -10.77
C PHE A 168 -4.65 -8.35 -11.52
N LYS A 169 -5.35 -9.29 -10.88
CA LYS A 169 -6.50 -9.96 -11.49
C LYS A 169 -7.78 -9.12 -11.46
N GLY A 170 -8.31 -8.85 -12.63
CA GLY A 170 -9.63 -8.24 -12.75
C GLY A 170 -10.61 -9.29 -13.25
N PRO A 171 -11.87 -8.87 -13.55
CA PRO A 171 -12.95 -9.71 -14.04
C PRO A 171 -12.66 -10.34 -15.40
N ASN A 172 -11.77 -9.72 -16.17
CA ASN A 172 -11.36 -10.26 -17.47
C ASN A 172 -9.94 -10.83 -17.49
N GLY A 173 -9.37 -11.04 -16.31
CA GLY A 173 -8.02 -11.57 -16.17
C GLY A 173 -7.05 -10.51 -15.66
N PHE A 174 -5.76 -10.81 -15.83
CA PHE A 174 -4.69 -9.99 -15.26
C PHE A 174 -4.39 -8.83 -16.17
N GLU A 175 -4.41 -7.63 -15.60
CA GLU A 175 -4.11 -6.44 -16.36
C GLU A 175 -2.81 -5.81 -15.86
N TYR A 176 -2.12 -5.05 -16.74
CA TYR A 176 -0.97 -4.26 -16.32
C TYR A 176 -1.42 -2.87 -15.87
N PHE A 177 -1.39 -2.66 -14.56
CA PHE A 177 -1.71 -1.37 -13.99
C PHE A 177 -0.38 -0.62 -13.86
N ALA A 178 -0.14 0.27 -14.80
CA ALA A 178 1.19 0.78 -15.10
C ALA A 178 1.51 2.15 -14.48
N PRO A 179 2.82 2.43 -14.26
CA PRO A 179 3.22 3.80 -13.91
C PRO A 179 2.71 4.78 -14.96
N ALA A 180 2.53 6.04 -14.55
CA ALA A 180 2.04 7.08 -15.45
C ALA A 180 2.87 7.17 -16.72
N ASN A 181 2.22 7.40 -17.85
CA ASN A 181 2.90 7.69 -19.10
C ASN A 181 3.72 6.49 -19.65
N THR A 182 3.20 5.28 -19.46
CA THR A 182 3.76 4.06 -20.05
C THR A 182 3.11 3.77 -21.40
N ASP A 183 1.83 4.10 -21.52
CA ASP A 183 1.11 3.99 -22.79
C ASP A 183 -0.07 4.96 -22.87
N ALA A 184 -0.16 5.67 -24.00
CA ALA A 184 -1.26 6.62 -24.26
C ALA A 184 -1.50 7.59 -23.10
N ASN A 185 -0.41 8.10 -22.52
CA ASN A 185 -0.47 9.05 -21.40
C ASN A 185 -1.30 8.57 -20.22
N ASN A 186 -1.29 7.25 -19.97
CA ASN A 186 -2.01 6.66 -18.85
C ASN A 186 -1.70 7.34 -17.53
N ILE A 187 -2.67 7.33 -16.65
CA ILE A 187 -2.51 7.85 -15.29
C ILE A 187 -1.80 6.78 -14.47
N ASP A 188 -1.12 7.20 -13.41
CA ASP A 188 -0.53 6.28 -12.46
C ASP A 188 -1.52 5.20 -11.98
N GLY A 189 -1.17 3.94 -12.20
CA GLY A 189 -2.00 2.82 -11.73
C GLY A 189 -3.14 2.43 -12.67
N GLN A 190 -3.30 3.18 -13.76
CA GLN A 190 -4.27 2.88 -14.79
C GLN A 190 -3.82 1.70 -15.68
N ALA A 191 -4.74 0.79 -15.97
CA ALA A 191 -4.46 -0.36 -16.80
C ALA A 191 -4.24 0.08 -18.22
N ILE A 192 -3.27 -0.53 -18.88
CA ILE A 192 -2.87 -0.09 -20.21
C ILE A 192 -2.93 -1.20 -21.24
N ARG A 193 -3.05 -0.79 -22.49
CA ARG A 193 -2.84 -1.66 -23.64
C ARG A 193 -1.39 -2.13 -23.60
N TYR A 194 -1.21 -3.45 -23.67
CA TYR A 194 0.11 -4.07 -23.61
C TYR A 194 -0.01 -5.43 -24.30
N GLN A 195 0.25 -5.47 -25.62
CA GLN A 195 -0.16 -6.63 -26.45
C GLN A 195 1.01 -7.49 -26.94
N ASN A 196 0.81 -8.81 -26.89
CA ASN A 196 1.70 -9.77 -27.56
C ASN A 196 3.19 -9.56 -27.25
N ARG A 197 3.51 -9.47 -25.95
CA ARG A 197 4.86 -9.06 -25.46
C ARG A 197 5.07 -9.61 -24.06
N PHE A 198 6.34 -9.75 -23.65
CA PHE A 198 6.68 -10.03 -22.27
C PHE A 198 6.73 -8.74 -21.48
N LEU A 199 6.39 -8.84 -20.19
CA LEU A 199 6.60 -7.75 -19.26
C LEU A 199 7.60 -8.24 -18.22
N HIS A 200 8.67 -7.49 -18.04
CA HIS A 200 9.65 -7.79 -17.01
C HIS A 200 9.53 -6.71 -15.96
N LEU A 201 8.98 -7.08 -14.81
CA LEU A 201 8.64 -6.14 -13.77
C LEU A 201 9.12 -6.67 -12.42
N LEU A 202 10.04 -5.94 -11.79
CA LEU A 202 10.53 -6.24 -10.44
C LEU A 202 10.92 -7.69 -10.19
N GLY A 203 11.77 -8.25 -11.06
CA GLY A 203 12.24 -9.62 -10.89
C GLY A 203 11.22 -10.68 -11.28
N ASN A 204 10.09 -10.27 -11.85
CA ASN A 204 9.08 -11.24 -12.31
C ASN A 204 8.84 -11.12 -13.82
N ILE A 205 8.38 -12.21 -14.44
CA ILE A 205 8.15 -12.24 -15.89
C ILE A 205 6.68 -12.55 -16.19
N TYR A 206 6.10 -11.80 -17.13
CA TYR A 206 4.73 -12.04 -17.55
C TYR A 206 4.70 -12.11 -19.06
N TYR A 207 3.70 -12.79 -19.61
CA TYR A 207 3.46 -12.67 -21.04
C TYR A 207 2.04 -12.17 -21.28
N PHE A 208 1.90 -11.15 -22.10
CA PHE A 208 0.60 -10.54 -22.37
C PHE A 208 0.15 -10.87 -23.77
N GLY A 209 -1.06 -11.41 -23.87
CA GLY A 209 -1.65 -11.84 -25.13
C GLY A 209 -2.22 -10.68 -25.90
N ASN A 210 -3.00 -10.99 -26.93
CA ASN A 210 -3.53 -9.97 -27.84
C ASN A 210 -4.56 -9.02 -27.22
N ASN A 211 -5.15 -9.43 -26.11
CA ASN A 211 -6.17 -8.65 -25.42
C ASN A 211 -5.59 -7.88 -24.23
N SER A 212 -4.26 -7.79 -24.17
CA SER A 212 -3.60 -7.06 -23.08
C SER A 212 -3.85 -7.66 -21.70
N LYS A 213 -4.11 -8.96 -21.67
CA LYS A 213 -4.22 -9.66 -20.39
C LYS A 213 -3.03 -10.61 -20.25
N ALA A 214 -2.47 -10.69 -19.04
CA ALA A 214 -1.37 -11.63 -18.79
C ALA A 214 -1.90 -13.06 -18.78
N VAL A 215 -1.27 -13.94 -19.55
CA VAL A 215 -1.70 -15.34 -19.62
C VAL A 215 -1.33 -16.11 -18.35
N THR A 216 -2.00 -17.22 -18.10
CA THR A 216 -1.71 -18.07 -16.95
C THR A 216 -1.63 -19.54 -17.37
N GLY A 217 -1.04 -20.35 -16.51
CA GLY A 217 -0.91 -21.78 -16.77
C GLY A 217 0.14 -22.08 -17.82
N TRP A 218 0.05 -23.25 -18.43
CA TRP A 218 1.04 -23.71 -19.40
C TRP A 218 0.91 -22.96 -20.72
N GLN A 219 2.03 -22.50 -21.25
CA GLN A 219 2.07 -21.78 -22.53
C GLN A 219 3.31 -22.21 -23.32
N THR A 220 3.18 -22.23 -24.64
CA THR A 220 4.32 -22.35 -25.53
C THR A 220 4.49 -21.00 -26.22
N ILE A 221 5.64 -20.36 -26.00
CA ILE A 221 5.91 -19.07 -26.62
C ILE A 221 7.28 -19.12 -27.32
N ASN A 222 7.30 -18.84 -28.62
CA ASN A 222 8.52 -18.96 -29.44
C ASN A 222 9.13 -20.36 -29.32
N GLY A 223 8.28 -21.37 -29.34
CA GLY A 223 8.72 -22.76 -29.21
C GLY A 223 9.18 -23.15 -27.82
N ASN A 224 9.17 -22.22 -26.86
CA ASN A 224 9.57 -22.53 -25.49
C ASN A 224 8.38 -22.66 -24.56
N MET A 225 8.46 -23.60 -23.61
CA MET A 225 7.38 -23.77 -22.65
C MET A 225 7.59 -22.96 -21.38
N TYR A 226 6.48 -22.43 -20.87
CA TYR A 226 6.45 -21.64 -19.65
C TYR A 226 5.24 -22.10 -18.82
N TYR A 227 5.28 -21.85 -17.53
CA TYR A 227 4.11 -21.97 -16.66
C TYR A 227 3.97 -20.71 -15.83
N PHE A 228 2.88 -19.99 -16.07
CA PHE A 228 2.59 -18.74 -15.35
C PHE A 228 1.62 -19.06 -14.22
N MET A 229 2.05 -18.76 -12.98
CA MET A 229 1.26 -19.04 -11.78
C MET A 229 -0.15 -18.48 -11.92
N PRO A 230 -1.18 -19.33 -11.68
CA PRO A 230 -2.57 -18.91 -11.87
C PRO A 230 -2.97 -17.74 -10.96
N ASP A 231 -2.34 -17.61 -9.80
CA ASP A 231 -2.68 -16.59 -8.82
C ASP A 231 -1.98 -15.24 -9.01
N THR A 232 -0.90 -15.20 -9.78
CA THR A 232 -0.12 -13.95 -9.94
C THR A 232 0.22 -13.67 -11.41
N ALA A 233 0.09 -14.68 -12.27
CA ALA A 233 0.50 -14.60 -13.70
C ALA A 233 2.03 -14.52 -13.90
N MET A 234 2.77 -14.63 -12.80
CA MET A 234 4.25 -14.66 -12.84
C MET A 234 4.75 -16.02 -13.33
N ALA A 235 5.73 -16.00 -14.22
CA ALA A 235 6.35 -17.25 -14.70
C ALA A 235 7.07 -17.96 -13.57
N ALA A 236 6.88 -19.27 -13.47
CA ALA A 236 7.79 -20.11 -12.67
C ALA A 236 9.17 -19.90 -13.30
N ALA A 237 10.16 -19.53 -12.49
CA ALA A 237 11.48 -19.22 -13.01
C ALA A 237 12.57 -19.44 -11.97
N GLY A 238 13.73 -19.90 -12.43
CA GLY A 238 14.92 -19.99 -11.60
C GLY A 238 14.96 -21.12 -10.59
N GLY A 239 14.45 -22.30 -10.97
CA GLY A 239 14.48 -23.43 -10.05
C GLY A 239 13.51 -24.56 -10.33
N LEU A 240 13.41 -25.46 -9.36
CA LEU A 240 12.49 -26.59 -9.41
C LEU A 240 11.16 -26.14 -8.83
N PHE A 241 10.07 -26.49 -9.51
CA PHE A 241 8.72 -26.16 -9.06
C PHE A 241 7.82 -27.38 -9.12
N GLU A 242 7.04 -27.58 -8.07
CA GLU A 242 6.02 -28.62 -8.07
C GLU A 242 4.72 -28.00 -8.58
N ILE A 243 4.19 -28.52 -9.68
CA ILE A 243 3.00 -27.91 -10.28
C ILE A 243 1.70 -28.67 -9.97
N ASP A 244 1.48 -29.82 -10.59
CA ASP A 244 0.28 -30.60 -10.27
C ASP A 244 0.78 -31.96 -9.84
N GLY A 245 1.47 -31.98 -8.69
CA GLY A 245 2.10 -33.18 -8.16
C GLY A 245 3.38 -33.60 -8.85
N VAL A 246 3.84 -32.76 -9.79
CA VAL A 246 5.02 -33.07 -10.61
C VAL A 246 6.08 -31.96 -10.47
N ILE A 247 7.35 -32.34 -10.29
CA ILE A 247 8.46 -31.38 -10.19
C ILE A 247 9.02 -31.06 -11.57
N TYR A 248 9.04 -29.78 -11.93
CA TYR A 248 9.68 -29.35 -13.16
C TYR A 248 10.82 -28.39 -12.82
N PHE A 249 11.70 -28.17 -13.79
CA PHE A 249 12.80 -27.23 -13.65
C PHE A 249 12.64 -26.10 -14.66
N PHE A 250 12.77 -24.86 -14.17
CA PHE A 250 12.59 -23.68 -15.02
C PHE A 250 13.86 -22.82 -14.98
N GLY A 251 14.31 -22.40 -16.15
CA GLY A 251 15.44 -21.47 -16.27
C GLY A 251 15.12 -20.13 -15.62
N VAL A 252 16.12 -19.26 -15.55
CA VAL A 252 15.94 -17.96 -14.88
C VAL A 252 14.99 -17.06 -15.67
N ASP A 253 14.93 -17.30 -16.98
CA ASP A 253 14.03 -16.62 -17.93
C ASP A 253 12.61 -17.24 -18.04
N GLY A 254 12.33 -18.21 -17.18
CA GLY A 254 11.04 -18.93 -17.17
C GLY A 254 10.88 -20.08 -18.15
N VAL A 255 11.89 -20.33 -18.99
CA VAL A 255 11.81 -21.41 -19.96
C VAL A 255 11.90 -22.76 -19.25
N LYS A 256 10.89 -23.61 -19.44
CA LYS A 256 10.85 -24.94 -18.82
C LYS A 256 11.86 -25.84 -19.49
N ALA A 257 12.69 -26.51 -18.69
CA ALA A 257 13.64 -27.49 -19.22
C ALA A 257 12.92 -28.81 -19.43
N PRO A 258 13.18 -29.47 -20.58
CA PRO A 258 12.56 -30.77 -20.87
C PRO A 258 12.88 -31.83 -19.83
N GLY A 259 11.91 -32.70 -19.54
CA GLY A 259 12.05 -33.75 -18.52
C GLY A 259 11.30 -33.52 -17.20
N ILE A 260 11.43 -34.48 -16.28
CA ILE A 260 10.76 -34.48 -14.97
C ILE A 260 11.82 -34.69 -13.89
N TYR A 261 11.58 -34.15 -12.69
CA TYR A 261 12.62 -34.07 -11.65
C TYR A 261 12.11 -34.28 -10.23
N GLN B 8 7.61 12.20 -25.06
CA GLN B 8 7.74 12.81 -23.71
C GLN B 8 8.76 12.03 -22.85
N VAL B 9 8.71 10.70 -22.88
CA VAL B 9 9.71 9.88 -22.17
C VAL B 9 11.04 9.95 -22.94
N GLN B 10 12.11 10.30 -22.24
CA GLN B 10 13.45 10.35 -22.84
C GLN B 10 14.44 9.62 -21.97
N LEU B 11 15.42 8.98 -22.61
CA LEU B 11 16.61 8.44 -21.92
C LEU B 11 17.80 9.20 -22.47
N VAL B 12 18.57 9.85 -21.58
CA VAL B 12 19.64 10.75 -22.04
C VAL B 12 20.99 10.28 -21.50
N GLU B 13 21.86 9.86 -22.42
CA GLU B 13 23.19 9.36 -22.07
C GLU B 13 24.17 10.51 -21.83
N SER B 14 25.09 10.32 -20.88
CA SER B 14 26.21 11.25 -20.72
C SER B 14 27.44 10.50 -20.21
N GLY B 15 28.59 11.18 -20.14
CA GLY B 15 29.79 10.58 -19.60
C GLY B 15 30.73 10.05 -20.67
N GLY B 16 30.34 10.21 -21.94
CA GLY B 16 31.20 9.84 -23.06
C GLY B 16 32.44 10.73 -23.19
N GLY B 17 33.32 10.41 -24.12
CA GLY B 17 34.50 11.21 -24.36
C GLY B 17 35.63 10.39 -24.98
N LEU B 18 36.82 10.99 -25.00
CA LEU B 18 38.05 10.31 -25.42
C LEU B 18 38.89 9.97 -24.20
N ALA B 19 39.16 8.69 -24.04
CA ALA B 19 40.05 8.21 -22.98
C ALA B 19 41.04 7.24 -23.62
N GLN B 20 41.92 6.67 -22.81
CA GLN B 20 42.99 5.85 -23.35
C GLN B 20 42.98 4.47 -22.74
N ALA B 21 43.60 3.51 -23.44
CA ALA B 21 43.69 2.12 -22.99
C ALA B 21 44.11 2.04 -21.54
N GLY B 22 43.56 1.07 -20.82
CA GLY B 22 43.82 0.94 -19.39
C GLY B 22 43.05 1.92 -18.50
N GLY B 23 42.48 2.97 -19.10
CA GLY B 23 41.75 3.98 -18.32
C GLY B 23 40.31 3.61 -18.03
N SER B 24 39.50 4.61 -17.64
CA SER B 24 38.10 4.39 -17.36
C SER B 24 37.19 5.52 -17.87
N LEU B 25 35.91 5.18 -18.07
CA LEU B 25 34.86 6.16 -18.23
C LEU B 25 33.64 5.66 -17.46
N ARG B 26 32.73 6.57 -17.16
CA ARG B 26 31.51 6.21 -16.47
C ARG B 26 30.34 6.82 -17.21
N LEU B 27 29.52 5.98 -17.82
CA LEU B 27 28.35 6.51 -18.52
C LEU B 27 27.17 6.58 -17.57
N SER B 28 26.34 7.61 -17.74
CA SER B 28 25.08 7.70 -17.04
C SER B 28 23.94 7.79 -18.06
N CYS B 29 22.77 7.32 -17.66
CA CYS B 29 21.59 7.44 -18.48
C CYS B 29 20.47 7.92 -17.57
N ALA B 30 20.10 9.19 -17.73
CA ALA B 30 19.03 9.81 -16.96
C ALA B 30 17.70 9.70 -17.73
N ALA B 31 16.73 9.05 -17.09
CA ALA B 31 15.42 8.89 -17.68
C ALA B 31 14.51 10.01 -17.19
N SER B 32 13.63 10.48 -18.06
CA SER B 32 12.61 11.46 -17.65
C SER B 32 11.27 11.10 -18.27
N GLY B 33 10.18 11.55 -17.63
CA GLY B 33 8.85 11.42 -18.22
C GLY B 33 8.04 10.25 -17.69
N ARG B 34 8.72 9.20 -17.25
CA ARG B 34 8.07 8.12 -16.49
C ARG B 34 9.09 7.50 -15.54
N THR B 35 8.62 6.79 -14.52
CA THR B 35 9.53 6.13 -13.59
C THR B 35 9.92 4.73 -14.09
N PHE B 36 11.22 4.44 -14.08
CA PHE B 36 11.71 3.14 -14.52
C PHE B 36 12.11 2.23 -13.35
N SER B 37 11.65 2.57 -12.14
CA SER B 37 12.13 1.90 -10.93
C SER B 37 11.73 0.43 -10.77
N MET B 38 10.82 -0.06 -11.62
CA MET B 38 10.51 -1.49 -11.68
C MET B 38 11.07 -2.19 -12.92
N ASP B 39 11.65 -1.42 -13.84
CA ASP B 39 12.03 -1.95 -15.16
C ASP B 39 13.50 -2.32 -15.24
N PRO B 40 13.83 -3.47 -15.87
CA PRO B 40 15.23 -3.67 -16.22
C PRO B 40 15.70 -2.55 -17.16
N MET B 41 16.96 -2.19 -17.04
CA MET B 41 17.59 -1.18 -17.91
C MET B 41 18.90 -1.77 -18.37
N ALA B 42 19.34 -1.36 -19.55
CA ALA B 42 20.44 -2.01 -20.23
C ALA B 42 21.29 -1.02 -21.00
N TRP B 43 22.47 -1.50 -21.39
CA TRP B 43 23.37 -0.78 -22.29
C TRP B 43 23.67 -1.62 -23.51
N PHE B 44 23.64 -0.97 -24.68
CA PHE B 44 24.07 -1.57 -25.93
C PHE B 44 25.13 -0.65 -26.53
N ARG B 45 25.90 -1.16 -27.49
CA ARG B 45 26.86 -0.32 -28.20
C ARG B 45 26.91 -0.65 -29.68
N GLN B 46 27.22 0.37 -30.49
CA GLN B 46 27.43 0.17 -31.93
C GLN B 46 28.87 0.58 -32.28
N PRO B 47 29.77 -0.41 -32.44
CA PRO B 47 31.16 -0.16 -32.84
C PRO B 47 31.21 0.29 -34.30
N PRO B 48 32.27 1.02 -34.68
CA PRO B 48 32.31 1.52 -36.07
C PRO B 48 32.18 0.39 -37.09
N GLY B 49 31.31 0.59 -38.07
CA GLY B 49 31.13 -0.38 -39.16
C GLY B 49 30.53 -1.70 -38.73
N LYS B 50 29.89 -1.72 -37.56
CA LYS B 50 29.31 -2.95 -37.04
C LYS B 50 27.90 -2.66 -36.53
N GLU B 51 27.11 -3.70 -36.34
CA GLU B 51 25.74 -3.58 -35.82
C GLU B 51 25.76 -3.34 -34.31
N ARG B 52 24.65 -2.82 -33.81
CA ARG B 52 24.42 -2.66 -32.38
C ARG B 52 24.50 -4.03 -31.72
N GLU B 53 25.12 -4.06 -30.53
CA GLU B 53 25.28 -5.31 -29.79
C GLU B 53 25.03 -5.07 -28.29
N PHE B 54 24.60 -6.12 -27.61
CA PHE B 54 24.35 -6.08 -26.16
C PHE B 54 25.64 -5.83 -25.38
N VAL B 55 25.55 -5.05 -24.30
CA VAL B 55 26.70 -4.79 -23.42
C VAL B 55 26.44 -5.31 -22.02
N ALA B 56 25.35 -4.85 -21.42
CA ALA B 56 25.02 -5.19 -20.04
C ALA B 56 23.54 -4.94 -19.81
N ALA B 57 22.97 -5.65 -18.85
CA ALA B 57 21.60 -5.42 -18.41
C ALA B 57 21.49 -5.74 -16.94
N GLY B 58 20.51 -5.13 -16.28
CA GLY B 58 20.29 -5.41 -14.88
C GLY B 58 18.89 -5.09 -14.42
N SER B 59 18.49 -5.73 -13.32
CA SER B 59 17.17 -5.52 -12.73
C SER B 59 17.14 -4.22 -11.95
N SER B 60 15.94 -3.75 -11.61
CA SER B 60 15.76 -2.48 -10.93
C SER B 60 16.35 -2.48 -9.52
N THR B 61 16.52 -3.67 -8.94
CA THR B 61 17.14 -3.81 -7.61
C THR B 61 18.66 -3.92 -7.71
N GLY B 62 19.16 -4.21 -8.90
CA GLY B 62 20.59 -4.47 -9.10
C GLY B 62 21.05 -5.85 -8.67
N ARG B 63 20.12 -6.71 -8.23
CA ARG B 63 20.49 -8.04 -7.73
C ARG B 63 20.80 -9.01 -8.84
N THR B 64 20.33 -8.70 -10.06
CA THR B 64 20.56 -9.54 -11.21
C THR B 64 21.14 -8.71 -12.35
N THR B 65 22.36 -9.06 -12.78
CA THR B 65 23.02 -8.36 -13.87
C THR B 65 23.64 -9.33 -14.88
N TYR B 66 23.73 -8.89 -16.13
CA TYR B 66 24.33 -9.69 -17.21
C TYR B 66 25.28 -8.84 -18.01
N TYR B 67 26.32 -9.47 -18.53
CA TYR B 67 27.34 -8.78 -19.30
C TYR B 67 27.68 -9.57 -20.56
N ALA B 68 27.98 -8.87 -21.65
CA ALA B 68 28.58 -9.52 -22.82
C ALA B 68 29.96 -10.07 -22.41
N ASP B 69 30.31 -11.24 -22.96
CA ASP B 69 31.59 -11.89 -22.62
C ASP B 69 32.75 -10.90 -22.71
N SER B 70 32.72 -10.04 -23.75
CA SER B 70 33.80 -9.10 -24.07
C SER B 70 34.06 -8.03 -23.02
N VAL B 71 33.08 -7.78 -22.15
CA VAL B 71 33.21 -6.68 -21.20
C VAL B 71 33.14 -7.16 -19.76
N LYS B 72 32.74 -8.42 -19.58
CA LYS B 72 32.60 -9.01 -18.26
C LYS B 72 33.84 -8.82 -17.38
N GLY B 73 33.63 -8.39 -16.14
CA GLY B 73 34.72 -8.10 -15.21
C GLY B 73 35.22 -6.67 -15.31
N ARG B 74 35.17 -6.11 -16.52
CA ARG B 74 35.67 -4.76 -16.76
C ARG B 74 34.59 -3.69 -16.60
N PHE B 75 33.35 -4.05 -16.97
CA PHE B 75 32.23 -3.11 -16.95
C PHE B 75 31.25 -3.48 -15.83
N THR B 76 30.68 -2.48 -15.17
CA THR B 76 29.70 -2.72 -14.13
C THR B 76 28.47 -1.85 -14.38
N ILE B 77 27.30 -2.47 -14.45
CA ILE B 77 26.06 -1.72 -14.54
C ILE B 77 25.56 -1.49 -13.12
N SER B 78 24.96 -0.32 -12.87
CA SER B 78 24.35 -0.04 -11.58
C SER B 78 23.21 0.94 -11.78
N ARG B 79 22.40 1.13 -10.75
CA ARG B 79 21.36 2.13 -10.86
C ARG B 79 21.08 2.89 -9.59
N ASP B 80 20.45 4.05 -9.78
CA ASP B 80 19.94 4.86 -8.71
C ASP B 80 18.48 5.14 -9.06
N ASN B 81 17.59 4.37 -8.43
CA ASN B 81 16.17 4.45 -8.71
C ASN B 81 15.57 5.81 -8.33
N ALA B 82 16.08 6.38 -7.25
CA ALA B 82 15.64 7.68 -6.76
C ALA B 82 15.95 8.78 -7.78
N LYS B 83 17.04 8.64 -8.52
CA LYS B 83 17.43 9.59 -9.57
C LYS B 83 16.97 9.16 -10.95
N ASN B 84 16.27 8.02 -11.03
CA ASN B 84 15.74 7.47 -12.29
C ASN B 84 16.86 7.31 -13.33
N THR B 85 18.02 6.81 -12.90
CA THR B 85 19.20 6.74 -13.77
C THR B 85 19.92 5.39 -13.69
N VAL B 86 20.53 5.00 -14.81
CA VAL B 86 21.34 3.80 -14.88
C VAL B 86 22.74 4.21 -15.32
N TYR B 87 23.74 3.45 -14.87
CA TYR B 87 25.14 3.79 -15.08
C TYR B 87 25.90 2.63 -15.70
N LEU B 88 26.98 2.94 -16.40
CA LEU B 88 27.91 1.90 -16.84
C LEU B 88 29.31 2.32 -16.45
N GLN B 89 29.88 1.65 -15.44
CA GLN B 89 31.27 1.91 -15.08
C GLN B 89 32.17 1.11 -16.02
N MET B 90 32.97 1.80 -16.82
CA MET B 90 33.80 1.13 -17.81
C MET B 90 35.28 1.22 -17.40
N ASN B 91 35.81 0.12 -16.86
CA ASN B 91 37.22 0.05 -16.45
C ASN B 91 38.07 -0.71 -17.44
N SER B 92 39.39 -0.57 -17.29
CA SER B 92 40.37 -1.22 -18.16
C SER B 92 39.93 -1.15 -19.61
N LEU B 93 39.78 0.08 -20.11
CA LEU B 93 39.33 0.33 -21.46
C LEU B 93 40.27 -0.24 -22.52
N LYS B 94 39.67 -0.77 -23.58
CA LYS B 94 40.42 -1.29 -24.72
C LYS B 94 40.00 -0.49 -25.94
N PRO B 95 40.89 -0.39 -26.95
CA PRO B 95 40.50 0.25 -28.20
C PRO B 95 39.21 -0.34 -28.79
N GLU B 96 38.99 -1.64 -28.58
CA GLU B 96 37.80 -2.32 -29.09
C GLU B 96 36.52 -1.90 -28.39
N ASP B 97 36.64 -1.06 -27.36
CA ASP B 97 35.47 -0.52 -26.66
C ASP B 97 34.94 0.74 -27.35
N THR B 98 35.68 1.23 -28.34
CA THR B 98 35.29 2.41 -29.11
C THR B 98 33.95 2.12 -29.79
N ALA B 99 32.95 2.96 -29.54
CA ALA B 99 31.60 2.76 -30.05
C ALA B 99 30.66 3.86 -29.59
N VAL B 100 29.51 3.94 -30.24
CA VAL B 100 28.40 4.73 -29.69
C VAL B 100 27.65 3.83 -28.70
N TYR B 101 27.47 4.33 -27.49
CA TYR B 101 26.79 3.57 -26.42
C TYR B 101 25.37 4.06 -26.23
N TYR B 102 24.42 3.14 -26.17
CA TYR B 102 23.00 3.45 -26.03
C TYR B 102 22.43 2.82 -24.76
N CYS B 103 21.68 3.59 -23.97
CA CYS B 103 20.96 2.99 -22.86
C CYS B 103 19.57 2.60 -23.36
N ALA B 104 18.97 1.62 -22.69
CA ALA B 104 17.67 1.07 -23.08
C ALA B 104 16.91 0.65 -21.83
N ALA B 105 15.58 0.62 -21.96
CA ALA B 105 14.74 0.32 -20.80
C ALA B 105 13.46 -0.44 -21.16
N ALA B 106 13.02 -1.27 -20.22
CA ALA B 106 11.74 -2.01 -20.30
C ALA B 106 11.72 -3.02 -21.45
N PRO B 107 12.53 -4.09 -21.32
CA PRO B 107 12.57 -5.09 -22.38
C PRO B 107 11.23 -5.81 -22.52
N TYR B 108 10.85 -6.12 -23.74
CA TYR B 108 9.59 -6.82 -23.97
C TYR B 108 9.75 -8.15 -24.70
N GLY B 109 11.00 -8.51 -24.97
CA GLY B 109 11.30 -9.84 -25.52
C GLY B 109 11.46 -10.83 -24.37
N ALA B 110 11.85 -12.06 -24.72
CA ALA B 110 11.94 -13.16 -23.77
C ALA B 110 13.05 -12.99 -22.74
N ASN B 111 14.10 -12.27 -23.11
CA ASN B 111 15.19 -12.03 -22.16
C ASN B 111 15.92 -10.72 -22.45
N TRP B 112 16.77 -10.31 -21.54
CA TRP B 112 17.33 -8.95 -21.60
C TRP B 112 18.38 -8.78 -22.68
N TYR B 113 18.83 -9.90 -23.27
CA TYR B 113 19.85 -9.91 -24.33
C TYR B 113 19.31 -9.42 -25.65
N ARG B 114 18.05 -9.75 -25.94
CA ARG B 114 17.42 -9.40 -27.22
C ARG B 114 17.24 -7.89 -27.25
N ASP B 115 17.47 -7.28 -28.42
CA ASP B 115 17.35 -5.84 -28.54
C ASP B 115 15.89 -5.37 -28.72
N GLU B 116 15.01 -5.90 -27.87
CA GLU B 116 13.60 -5.54 -27.88
C GLU B 116 13.28 -4.79 -26.59
N TYR B 117 13.41 -3.47 -26.64
CA TYR B 117 13.22 -2.62 -25.44
C TYR B 117 12.25 -1.53 -25.79
N ALA B 118 11.40 -1.16 -24.84
CA ALA B 118 10.36 -0.19 -25.11
C ALA B 118 10.95 1.21 -25.34
N TYR B 119 12.07 1.51 -24.68
CA TYR B 119 12.65 2.84 -24.74
C TYR B 119 14.15 2.78 -25.01
N TRP B 120 14.63 3.70 -25.85
CA TRP B 120 16.04 3.79 -26.23
C TRP B 120 16.54 5.22 -26.12
N GLY B 121 17.81 5.37 -25.69
CA GLY B 121 18.49 6.66 -25.70
C GLY B 121 18.98 6.97 -27.12
N GLN B 122 19.56 8.15 -27.32
CA GLN B 122 20.05 8.53 -28.65
C GLN B 122 21.53 8.24 -28.80
N GLY B 123 22.16 7.86 -27.69
CA GLY B 123 23.51 7.34 -27.72
C GLY B 123 24.56 8.40 -27.45
N THR B 124 25.72 7.96 -26.95
CA THR B 124 26.85 8.86 -26.77
C THR B 124 28.16 8.19 -27.18
N GLN B 125 29.04 8.96 -27.83
CA GLN B 125 30.32 8.44 -28.33
C GLN B 125 31.33 8.14 -27.22
N VAL B 126 31.90 6.94 -27.25
CA VAL B 126 33.05 6.60 -26.43
C VAL B 126 34.19 6.25 -27.40
N THR B 127 35.32 6.92 -27.24
CA THR B 127 36.52 6.59 -28.02
C THR B 127 37.67 6.25 -27.07
N VAL B 128 38.35 5.14 -27.34
CA VAL B 128 39.53 4.74 -26.57
C VAL B 128 40.72 4.66 -27.52
N SER B 129 41.69 5.56 -27.33
CA SER B 129 42.91 5.58 -28.13
C SER B 129 43.98 4.62 -27.57
N SER B 130 44.87 4.16 -28.45
CA SER B 130 45.91 3.18 -28.11
C SER B 130 46.79 3.60 -26.93
N GLN C 8 -11.77 14.39 30.37
CA GLN C 8 -12.56 13.22 30.82
C GLN C 8 -11.96 11.93 30.24
N VAL C 9 -11.65 11.93 28.94
CA VAL C 9 -11.03 10.75 28.31
C VAL C 9 -9.63 10.49 28.87
N GLN C 10 -9.31 9.23 29.17
CA GLN C 10 -7.98 8.86 29.65
C GLN C 10 -7.59 7.46 29.23
N LEU C 11 -6.34 7.29 28.84
CA LEU C 11 -5.78 5.98 28.59
C LEU C 11 -4.78 5.69 29.70
N VAL C 12 -4.96 4.55 30.37
CA VAL C 12 -4.15 4.21 31.53
C VAL C 12 -3.43 2.90 31.27
N GLU C 13 -2.10 2.95 31.18
CA GLU C 13 -1.27 1.76 31.04
C GLU C 13 -1.04 1.09 32.40
N SER C 14 -0.91 -0.24 32.38
CA SER C 14 -0.58 -1.01 33.57
C SER C 14 0.11 -2.29 33.13
N GLY C 15 0.66 -3.04 34.09
CA GLY C 15 1.34 -4.30 33.79
C GLY C 15 2.81 -4.15 33.44
N GLY C 16 3.35 -2.96 33.66
CA GLY C 16 4.76 -2.69 33.38
C GLY C 16 5.66 -3.00 34.58
N GLY C 17 6.91 -2.57 34.51
CA GLY C 17 7.86 -2.81 35.60
C GLY C 17 9.05 -3.64 35.15
N LEU C 18 9.52 -4.52 36.03
CA LEU C 18 10.74 -5.29 35.82
C LEU C 18 10.50 -6.63 35.15
N ALA C 19 11.46 -7.05 34.33
CA ALA C 19 11.48 -8.39 33.76
C ALA C 19 12.91 -8.70 33.36
N GLN C 20 13.21 -9.95 33.05
CA GLN C 20 14.58 -10.29 32.64
C GLN C 20 14.67 -10.75 31.20
N ALA C 21 15.84 -10.53 30.60
CA ALA C 21 16.11 -10.91 29.23
C ALA C 21 15.62 -12.32 28.95
N GLY C 22 15.00 -12.50 27.79
CA GLY C 22 14.41 -13.78 27.38
C GLY C 22 13.03 -14.02 27.96
N GLY C 23 12.65 -13.24 28.97
CA GLY C 23 11.35 -13.36 29.59
C GLY C 23 10.26 -12.66 28.79
N SER C 24 9.09 -12.56 29.37
CA SER C 24 7.95 -11.96 28.69
C SER C 24 7.12 -11.12 29.65
N LEU C 25 6.34 -10.19 29.08
CA LEU C 25 5.51 -9.28 29.85
C LEU C 25 4.33 -8.85 28.99
N ARG C 26 3.16 -8.69 29.60
CA ARG C 26 2.01 -8.17 28.87
C ARG C 26 1.58 -6.83 29.43
N LEU C 27 1.65 -5.79 28.61
CA LEU C 27 1.15 -4.48 29.03
C LEU C 27 -0.33 -4.38 28.70
N SER C 28 -1.09 -3.69 29.57
CA SER C 28 -2.49 -3.36 29.31
C SER C 28 -2.66 -1.86 29.19
N CYS C 29 -3.62 -1.42 28.39
CA CYS C 29 -4.01 -0.02 28.36
C CYS C 29 -5.54 0.09 28.34
N ALA C 30 -6.10 0.55 29.45
CA ALA C 30 -7.55 0.67 29.58
C ALA C 30 -7.94 2.09 29.29
N ALA C 31 -8.92 2.26 28.41
CA ALA C 31 -9.40 3.58 28.04
C ALA C 31 -10.72 3.86 28.72
N SER C 32 -10.90 5.09 29.20
CA SER C 32 -12.17 5.47 29.79
C SER C 32 -12.60 6.83 29.28
N GLY C 33 -13.89 7.12 29.41
CA GLY C 33 -14.45 8.41 29.04
C GLY C 33 -15.16 8.42 27.70
N ARG C 34 -14.84 7.45 26.85
CA ARG C 34 -15.51 7.24 25.56
C ARG C 34 -15.22 5.82 25.09
N THR C 35 -16.02 5.35 24.14
CA THR C 35 -15.83 4.02 23.54
C THR C 35 -14.83 4.05 22.38
N PHE C 36 -13.86 3.14 22.44
CA PHE C 36 -12.84 3.05 21.41
C PHE C 36 -13.00 1.82 20.53
N SER C 37 -14.19 1.21 20.58
CA SER C 37 -14.39 -0.08 19.91
C SER C 37 -14.27 -0.03 18.39
N MET C 38 -14.28 1.17 17.80
CA MET C 38 -14.05 1.31 16.37
C MET C 38 -12.65 1.80 16.04
N ASP C 39 -11.94 2.35 17.02
CA ASP C 39 -10.66 3.04 16.77
C ASP C 39 -9.47 2.10 16.81
N PRO C 40 -8.50 2.31 15.90
CA PRO C 40 -7.20 1.65 16.04
C PRO C 40 -6.53 2.11 17.32
N MET C 41 -5.78 1.21 17.94
CA MET C 41 -5.01 1.53 19.13
C MET C 41 -3.59 1.02 18.93
N ALA C 42 -2.64 1.69 19.58
CA ALA C 42 -1.23 1.51 19.25
C ALA C 42 -0.34 1.60 20.49
N TRP C 43 0.93 1.25 20.32
CA TRP C 43 1.94 1.41 21.36
C TRP C 43 3.15 2.13 20.79
N PHE C 44 3.67 3.05 21.59
CA PHE C 44 4.92 3.75 21.32
C PHE C 44 5.83 3.55 22.53
N ARG C 45 7.12 3.78 22.35
CA ARG C 45 8.07 3.70 23.47
C ARG C 45 9.19 4.72 23.36
N GLN C 46 9.62 5.21 24.53
CA GLN C 46 10.66 6.22 24.63
C GLN C 46 11.84 5.58 25.37
N PRO C 47 12.87 5.11 24.64
CA PRO C 47 14.04 4.46 25.27
C PRO C 47 14.92 5.50 26.00
N PRO C 48 15.78 5.05 26.95
CA PRO C 48 16.59 6.01 27.70
C PRO C 48 17.44 6.88 26.78
N GLY C 49 17.32 8.20 26.89
CA GLY C 49 18.12 9.13 26.11
C GLY C 49 17.81 9.14 24.61
N LYS C 50 16.63 8.64 24.23
CA LYS C 50 16.23 8.62 22.83
C LYS C 50 14.79 9.14 22.66
N GLU C 51 14.46 9.54 21.43
CA GLU C 51 13.11 10.03 21.11
C GLU C 51 12.09 8.89 21.14
N ARG C 52 10.83 9.24 21.37
CA ARG C 52 9.76 8.25 21.35
C ARG C 52 9.66 7.64 19.95
N GLU C 53 9.39 6.33 19.90
CA GLU C 53 9.34 5.61 18.64
C GLU C 53 8.14 4.68 18.62
N PHE C 54 7.69 4.35 17.41
CA PHE C 54 6.59 3.44 17.20
C PHE C 54 6.95 2.02 17.60
N VAL C 55 5.99 1.30 18.19
CA VAL C 55 6.14 -0.12 18.52
C VAL C 55 5.17 -1.01 17.72
N ALA C 56 3.87 -0.74 17.86
CA ALA C 56 2.84 -1.58 17.22
C ALA C 56 1.50 -0.85 17.14
N ALA C 57 0.68 -1.21 16.18
CA ALA C 57 -0.65 -0.62 16.04
C ALA C 57 -1.55 -1.65 15.39
N GLY C 58 -2.85 -1.57 15.65
CA GLY C 58 -3.79 -2.52 15.10
C GLY C 58 -5.18 -1.94 15.05
N SER C 59 -5.97 -2.41 14.10
CA SER C 59 -7.38 -2.01 13.99
C SER C 59 -8.20 -2.67 15.08
N SER C 60 -9.44 -2.22 15.22
CA SER C 60 -10.34 -2.72 16.23
C SER C 60 -10.69 -4.19 16.05
N THR C 61 -10.61 -4.69 14.81
CA THR C 61 -10.91 -6.08 14.48
C THR C 61 -9.68 -7.00 14.54
N GLY C 62 -8.49 -6.40 14.68
CA GLY C 62 -7.25 -7.17 14.67
C GLY C 62 -6.80 -7.58 13.27
N ARG C 63 -7.56 -7.20 12.24
CA ARG C 63 -7.23 -7.63 10.89
C ARG C 63 -6.09 -6.85 10.25
N THR C 64 -5.85 -5.65 10.77
CA THR C 64 -4.75 -4.83 10.29
C THR C 64 -3.85 -4.53 11.48
N THR C 65 -2.61 -5.00 11.39
CA THR C 65 -1.65 -4.77 12.47
C THR C 65 -0.30 -4.40 11.85
N TYR C 66 0.45 -3.51 12.51
CA TYR C 66 1.83 -3.18 12.07
C TYR C 66 2.76 -3.24 13.28
N TYR C 67 4.02 -3.59 13.03
CA TYR C 67 5.05 -3.70 14.07
C TYR C 67 6.31 -2.98 13.62
N ALA C 68 7.00 -2.31 14.54
CA ALA C 68 8.31 -1.74 14.22
C ALA C 68 9.29 -2.89 13.99
N ASP C 69 10.28 -2.67 13.13
CA ASP C 69 11.28 -3.70 12.79
C ASP C 69 11.98 -4.33 14.00
N SER C 70 12.11 -3.56 15.07
CA SER C 70 12.82 -3.99 16.27
C SER C 70 12.03 -4.94 17.19
N VAL C 71 10.71 -5.02 17.00
CA VAL C 71 9.85 -5.84 17.86
C VAL C 71 9.13 -6.92 17.07
N LYS C 72 9.21 -6.77 15.76
CA LYS C 72 8.62 -7.67 14.78
C LYS C 72 9.01 -9.10 15.12
N GLY C 73 8.00 -9.95 15.25
CA GLY C 73 8.25 -11.35 15.55
C GLY C 73 8.56 -11.67 17.00
N ARG C 74 8.48 -10.65 17.86
CA ARG C 74 8.63 -10.82 19.31
C ARG C 74 7.45 -10.23 20.09
N PHE C 75 6.87 -9.14 19.59
CA PHE C 75 5.75 -8.48 20.27
C PHE C 75 4.47 -8.69 19.46
N THR C 76 3.35 -8.81 20.15
CA THR C 76 2.05 -8.91 19.44
C THR C 76 1.07 -7.99 20.12
N ILE C 77 0.26 -7.31 19.32
CA ILE C 77 -0.78 -6.41 19.84
C ILE C 77 -2.14 -7.11 19.77
N SER C 78 -2.99 -6.88 20.77
CA SER C 78 -4.33 -7.44 20.75
C SER C 78 -5.26 -6.53 21.54
N ARG C 79 -6.56 -6.81 21.46
CA ARG C 79 -7.56 -6.00 22.15
C ARG C 79 -8.60 -6.83 22.86
N ASP C 80 -9.29 -6.20 23.80
CA ASP C 80 -10.59 -6.64 24.29
C ASP C 80 -11.52 -5.44 24.26
N ASN C 81 -12.35 -5.36 23.22
CA ASN C 81 -13.26 -4.23 22.96
C ASN C 81 -14.38 -4.04 23.97
N ALA C 82 -14.87 -5.13 24.55
CA ALA C 82 -15.84 -5.03 25.64
C ALA C 82 -15.26 -4.25 26.81
N LYS C 83 -13.94 -4.38 27.01
CA LYS C 83 -13.21 -3.75 28.12
C LYS C 83 -12.45 -2.47 27.72
N ASN C 84 -12.65 -2.02 26.47
CA ASN C 84 -12.06 -0.75 25.99
C ASN C 84 -10.54 -0.77 26.17
N THR C 85 -9.93 -1.94 25.93
CA THR C 85 -8.56 -2.22 26.33
C THR C 85 -7.69 -2.78 25.21
N VAL C 86 -6.45 -2.31 25.14
CA VAL C 86 -5.48 -2.83 24.19
C VAL C 86 -4.31 -3.43 24.97
N TYR C 87 -3.69 -4.46 24.40
CA TYR C 87 -2.59 -5.16 25.07
C TYR C 87 -1.33 -5.16 24.22
N LEU C 88 -0.18 -5.15 24.88
CA LEU C 88 1.06 -5.42 24.19
C LEU C 88 1.73 -6.62 24.85
N GLN C 89 1.65 -7.77 24.18
CA GLN C 89 2.35 -8.97 24.61
C GLN C 89 3.81 -8.86 24.18
N MET C 90 4.70 -8.76 25.16
CA MET C 90 6.12 -8.66 24.87
C MET C 90 6.85 -9.97 25.17
N ASN C 91 7.27 -10.69 24.13
CA ASN C 91 8.06 -11.93 24.30
C ASN C 91 9.54 -11.72 24.00
N SER C 92 10.37 -12.69 24.40
CA SER C 92 11.82 -12.63 24.15
C SER C 92 12.37 -11.23 24.48
N LEU C 93 12.07 -10.75 25.67
CA LEU C 93 12.49 -9.42 26.08
C LEU C 93 14.01 -9.26 26.03
N LYS C 94 14.44 -8.08 25.59
CA LYS C 94 15.86 -7.74 25.50
C LYS C 94 16.11 -6.52 26.38
N PRO C 95 17.36 -6.35 26.86
CA PRO C 95 17.68 -5.12 27.58
C PRO C 95 17.31 -3.89 26.77
N GLU C 96 17.54 -3.94 25.46
CA GLU C 96 17.23 -2.86 24.52
C GLU C 96 15.72 -2.51 24.44
N ASP C 97 14.86 -3.31 25.07
CA ASP C 97 13.42 -3.02 25.17
C ASP C 97 13.08 -2.14 26.37
N THR C 98 14.09 -1.82 27.18
CA THR C 98 13.89 -0.92 28.31
C THR C 98 13.44 0.45 27.77
N ALA C 99 12.37 1.00 28.33
CA ALA C 99 11.72 2.22 27.82
C ALA C 99 10.47 2.58 28.59
N VAL C 100 9.97 3.80 28.40
CA VAL C 100 8.63 4.20 28.87
C VAL C 100 7.66 3.87 27.73
N TYR C 101 6.70 3.00 28.01
CA TYR C 101 5.76 2.53 26.99
C TYR C 101 4.48 3.34 27.07
N TYR C 102 4.06 3.88 25.92
CA TYR C 102 2.85 4.67 25.82
C TYR C 102 1.86 3.98 24.91
N CYS C 103 0.60 3.90 25.33
CA CYS C 103 -0.45 3.52 24.39
C CYS C 103 -1.04 4.78 23.77
N ALA C 104 -1.64 4.62 22.59
CA ALA C 104 -2.24 5.74 21.88
C ALA C 104 -3.45 5.23 21.11
N ALA C 105 -4.38 6.13 20.77
CA ALA C 105 -5.58 5.68 20.07
C ALA C 105 -6.12 6.72 19.10
N ALA C 106 -6.86 6.23 18.11
CA ALA C 106 -7.49 7.02 17.05
C ALA C 106 -6.50 7.86 16.24
N PRO C 107 -5.63 7.18 15.47
CA PRO C 107 -4.66 7.86 14.62
C PRO C 107 -5.40 8.72 13.59
N TYR C 108 -4.82 9.85 13.22
CA TYR C 108 -5.46 10.72 12.24
C TYR C 108 -4.53 11.05 11.08
N GLY C 109 -3.31 10.50 11.10
CA GLY C 109 -2.35 10.72 10.01
C GLY C 109 -2.55 9.74 8.87
N ALA C 110 -1.69 9.84 7.85
CA ALA C 110 -1.76 8.96 6.67
C ALA C 110 -1.37 7.51 6.95
N ASN C 111 -0.66 7.26 8.05
CA ASN C 111 -0.35 5.90 8.47
C ASN C 111 -0.19 5.85 9.98
N TRP C 112 -0.23 4.65 10.53
CA TRP C 112 -0.24 4.48 11.99
C TRP C 112 1.14 4.50 12.66
N TYR C 113 2.20 4.47 11.86
CA TYR C 113 3.59 4.64 12.33
C TYR C 113 3.85 6.07 12.81
N ARG C 114 3.19 7.05 12.16
CA ARG C 114 3.34 8.46 12.53
C ARG C 114 2.68 8.76 13.88
N ASP C 115 3.33 9.57 14.70
CA ASP C 115 2.79 9.91 16.03
C ASP C 115 1.72 11.02 15.97
N GLU C 116 0.67 10.73 15.21
CA GLU C 116 -0.48 11.61 15.05
C GLU C 116 -1.72 10.85 15.55
N TYR C 117 -1.96 10.93 16.86
CA TYR C 117 -3.02 10.19 17.51
C TYR C 117 -3.80 11.14 18.41
N ALA C 118 -5.12 11.01 18.33
CA ALA C 118 -6.00 11.91 19.07
C ALA C 118 -5.81 11.73 20.57
N TYR C 119 -5.46 10.52 21.01
CA TYR C 119 -5.42 10.23 22.46
C TYR C 119 -4.13 9.50 22.83
N TRP C 120 -3.48 9.93 23.93
CA TRP C 120 -2.24 9.32 24.41
C TRP C 120 -2.34 8.91 25.88
N GLY C 121 -1.69 7.81 26.23
CA GLY C 121 -1.66 7.33 27.60
C GLY C 121 -0.71 8.13 28.47
N GLN C 122 -0.46 7.62 29.69
CA GLN C 122 0.42 8.28 30.65
C GLN C 122 1.86 7.80 30.52
N GLY C 123 2.05 6.67 29.84
CA GLY C 123 3.35 6.04 29.76
C GLY C 123 3.59 5.17 30.99
N THR C 124 4.26 4.03 30.79
CA THR C 124 4.68 3.19 31.92
C THR C 124 6.07 2.61 31.70
N GLN C 125 6.84 2.53 32.78
CA GLN C 125 8.23 2.03 32.71
C GLN C 125 8.32 0.51 32.58
N VAL C 126 9.08 0.06 31.59
CA VAL C 126 9.48 -1.33 31.48
C VAL C 126 11.02 -1.38 31.51
N THR C 127 11.56 -2.17 32.43
CA THR C 127 13.00 -2.29 32.62
C THR C 127 13.41 -3.76 32.50
N VAL C 128 14.16 -4.06 31.44
CA VAL C 128 14.64 -5.42 31.20
C VAL C 128 16.12 -5.53 31.57
N SER C 129 16.41 -6.36 32.57
CA SER C 129 17.76 -6.48 33.11
C SER C 129 18.51 -7.66 32.52
N SER C 130 19.85 -7.58 32.57
CA SER C 130 20.73 -8.71 32.26
C SER C 130 20.58 -9.17 30.81
#